data_7E4A
#
_entry.id   7E4A
#
_cell.length_a   67.766
_cell.length_b   68.400
_cell.length_c   88.663
_cell.angle_alpha   90.000
_cell.angle_beta   90.000
_cell.angle_gamma   90.000
#
_symmetry.space_group_name_H-M   'P 21 21 21'
#
loop_
_entity.id
_entity.type
_entity.pdbx_description
1 polymer 'Macrophage migration inhibitory factor'
2 non-polymer 'CHLORIDE ION'
3 non-polymer Flavoxate
4 non-polymer 'SODIUM ION'
5 water water
#
_entity_poly.entity_id   1
_entity_poly.type   'polypeptide(L)'
_entity_poly.pdbx_seq_one_letter_code
;PMFIVNTNVPRASVPDGFLSELTQQLAQATGKPPQYIAVHVVPDQLMAFGGSSEPCALCSLHSIGKIGGAQNRSYSKLLC
GLLAERLRISPDRVYINYYDMNAANVGWNNSTFA
;
_entity_poly.pdbx_strand_id   A,B,C
#
loop_
_chem_comp.id
_chem_comp.type
_chem_comp.name
_chem_comp.formula
CL non-polymer 'CHLORIDE ION' 'Cl -1'
HWL non-polymer Flavoxate 'C24 H25 N O4'
NA non-polymer 'SODIUM ION' 'Na 1'
#
# COMPACT_ATOMS: atom_id res chain seq x y z
N PRO A 1 12.44 -9.51 -0.56
CA PRO A 1 11.15 -9.33 0.12
C PRO A 1 11.01 -7.89 0.51
N MET A 2 9.80 -7.49 0.84
CA MET A 2 9.52 -6.11 1.20
C MET A 2 8.61 -6.10 2.43
N PHE A 3 8.93 -5.30 3.44
CA PHE A 3 8.09 -5.18 4.61
C PHE A 3 7.79 -3.71 4.84
N ILE A 4 6.52 -3.39 4.97
CA ILE A 4 6.06 -2.02 5.15
C ILE A 4 5.25 -1.95 6.44
N VAL A 5 5.50 -0.93 7.26
CA VAL A 5 4.73 -0.67 8.48
C VAL A 5 4.18 0.74 8.37
N ASN A 6 2.87 0.87 8.48
CA ASN A 6 2.21 2.16 8.62
C ASN A 6 1.69 2.28 10.04
N THR A 7 2.00 3.38 10.71
CA THR A 7 1.63 3.49 12.12
C THR A 7 1.33 4.94 12.48
N ASN A 8 0.48 5.10 13.50
CA ASN A 8 0.25 6.43 14.08
C ASN A 8 1.27 6.83 15.13
N VAL A 9 2.19 5.95 15.50
CA VAL A 9 3.26 6.34 16.44
C VAL A 9 4.06 7.48 15.81
N PRO A 10 4.48 8.49 16.56
CA PRO A 10 5.20 9.62 15.96
C PRO A 10 6.62 9.22 15.59
N ARG A 11 7.16 9.97 14.62
CA ARG A 11 8.49 9.68 14.09
C ARG A 11 9.54 9.63 15.20
N ALA A 12 9.45 10.53 16.18
CA ALA A 12 10.45 10.56 17.25
C ALA A 12 10.45 9.30 18.10
N SER A 13 9.36 8.54 18.09
N SER A 13 9.36 8.53 18.08
CA SER A 13 9.22 7.30 18.82
CA SER A 13 9.27 7.30 18.84
C SER A 13 9.66 6.07 18.05
C SER A 13 9.75 6.07 18.08
N VAL A 14 10.09 6.23 16.80
CA VAL A 14 10.69 5.15 16.05
C VAL A 14 12.18 5.16 16.41
N PRO A 15 12.72 4.14 17.08
CA PRO A 15 14.10 4.25 17.57
C PRO A 15 15.12 4.25 16.46
N ASP A 16 16.25 4.87 16.73
CA ASP A 16 17.36 4.78 15.82
C ASP A 16 17.66 3.32 15.56
N GLY A 17 17.95 3.01 14.30
CA GLY A 17 18.35 1.67 13.97
C GLY A 17 17.23 0.73 13.65
N PHE A 18 15.98 1.20 13.69
CA PHE A 18 14.86 0.28 13.53
C PHE A 18 14.83 -0.35 12.15
N LEU A 19 15.10 0.44 11.09
CA LEU A 19 15.07 -0.17 9.75
C LEU A 19 16.14 -1.24 9.60
N SER A 20 17.34 -0.99 10.14
CA SER A 20 18.40 -1.98 10.06
C SER A 20 18.03 -3.23 10.87
N GLU A 21 17.42 -3.06 12.05
CA GLU A 21 16.96 -4.22 12.81
C GLU A 21 15.92 -5.02 12.04
N LEU A 22 14.96 -4.34 11.39
CA LEU A 22 13.97 -5.06 10.60
C LEU A 22 14.63 -5.82 9.46
N THR A 23 15.62 -5.18 8.80
CA THR A 23 16.29 -5.83 7.66
C THR A 23 16.94 -7.12 8.11
N GLN A 24 17.66 -7.06 9.22
CA GLN A 24 18.43 -8.21 9.65
C GLN A 24 17.52 -9.32 10.13
N GLN A 25 16.48 -8.96 10.87
CA GLN A 25 15.58 -9.98 11.38
C GLN A 25 14.78 -10.61 10.26
N LEU A 26 14.35 -9.83 9.25
CA LEU A 26 13.62 -10.40 8.12
C LEU A 26 14.53 -11.21 7.21
N ALA A 27 15.79 -10.82 7.07
CA ALA A 27 16.71 -11.66 6.29
C ALA A 27 16.81 -13.04 6.91
N GLN A 28 16.96 -13.10 8.23
CA GLN A 28 17.04 -14.40 8.88
C GLN A 28 15.72 -15.14 8.77
N ALA A 29 14.61 -14.45 9.00
CA ALA A 29 13.31 -15.11 9.06
C ALA A 29 12.90 -15.69 7.71
N THR A 30 13.13 -14.92 6.64
CA THR A 30 12.76 -15.36 5.29
C THR A 30 13.79 -16.25 4.67
N GLY A 31 15.00 -16.29 5.23
CA GLY A 31 16.10 -17.03 4.68
C GLY A 31 16.71 -16.46 3.41
N LYS A 32 16.37 -15.27 3.07
CA LYS A 32 16.89 -14.57 1.88
C LYS A 32 18.06 -13.65 2.25
N PRO A 33 18.99 -13.37 1.34
CA PRO A 33 20.13 -12.46 1.67
C PRO A 33 19.62 -11.06 2.04
N PRO A 34 20.29 -10.39 2.99
CA PRO A 34 19.84 -9.03 3.35
C PRO A 34 19.82 -8.09 2.18
N GLN A 35 20.67 -8.33 1.18
CA GLN A 35 20.66 -7.48 -0.02
C GLN A 35 19.28 -7.37 -0.67
N TYR A 36 18.44 -8.39 -0.53
CA TYR A 36 17.13 -8.47 -1.15
C TYR A 36 16.01 -7.99 -0.26
N ILE A 37 16.30 -7.57 0.98
CA ILE A 37 15.24 -7.18 1.91
C ILE A 37 15.07 -5.67 1.83
N ALA A 38 13.86 -5.21 1.57
CA ALA A 38 13.54 -3.77 1.59
C ALA A 38 12.55 -3.53 2.72
N VAL A 39 12.73 -2.42 3.43
CA VAL A 39 11.86 -2.11 4.57
C VAL A 39 11.45 -0.65 4.49
N HIS A 40 10.24 -0.36 4.97
CA HIS A 40 9.68 0.98 4.85
C HIS A 40 8.80 1.21 6.06
N VAL A 41 9.06 2.27 6.81
CA VAL A 41 8.29 2.61 8.00
C VAL A 41 7.65 3.98 7.80
N VAL A 42 6.35 4.06 8.04
CA VAL A 42 5.59 5.29 7.82
C VAL A 42 4.96 5.72 9.15
N PRO A 43 5.60 6.62 9.92
CA PRO A 43 5.02 7.06 11.19
C PRO A 43 4.03 8.20 11.01
N ASP A 44 3.45 8.65 12.12
CA ASP A 44 2.63 9.87 12.15
C ASP A 44 1.38 9.77 11.31
N GLN A 45 0.88 8.54 11.09
CA GLN A 45 -0.26 8.39 10.20
C GLN A 45 -1.57 8.63 10.95
N LEU A 46 -2.59 9.05 10.20
CA LEU A 46 -3.94 9.22 10.73
C LEU A 46 -4.66 7.89 10.55
N MET A 47 -4.78 7.12 11.65
CA MET A 47 -5.27 5.77 11.57
C MET A 47 -6.12 5.49 12.80
N ALA A 48 -6.99 4.51 12.65
CA ALA A 48 -7.68 3.97 13.81
C ALA A 48 -7.71 2.46 13.68
N PHE A 49 -7.76 1.78 14.81
CA PHE A 49 -7.87 0.33 14.82
C PHE A 49 -8.91 0.00 15.87
N GLY A 50 -9.99 -0.70 15.47
CA GLY A 50 -11.01 -1.04 16.42
C GLY A 50 -11.71 0.19 16.94
N GLY A 51 -11.72 1.27 16.18
CA GLY A 51 -12.37 2.48 16.64
C GLY A 51 -11.55 3.38 17.53
N SER A 52 -10.30 3.06 17.79
CA SER A 52 -9.47 3.81 18.71
C SER A 52 -8.23 4.35 17.99
N SER A 53 -7.76 5.53 18.41
CA SER A 53 -6.52 6.14 17.93
C SER A 53 -5.31 5.79 18.83
N GLU A 54 -5.45 4.81 19.74
CA GLU A 54 -4.30 4.26 20.45
C GLU A 54 -3.25 3.71 19.44
N PRO A 55 -1.97 3.61 19.82
CA PRO A 55 -0.98 3.14 18.85
C PRO A 55 -1.39 1.84 18.18
N CYS A 56 -1.20 1.80 16.88
CA CYS A 56 -1.55 0.63 16.08
C CYS A 56 -0.63 0.58 14.86
N ALA A 57 -0.67 -0.54 14.15
CA ALA A 57 0.13 -0.65 12.94
C ALA A 57 -0.60 -1.50 11.90
N LEU A 58 -0.50 -1.08 10.62
CA LEU A 58 -0.96 -1.87 9.48
C LEU A 58 0.28 -2.16 8.64
N CYS A 59 0.55 -3.44 8.39
CA CYS A 59 1.82 -3.83 7.77
C CYS A 59 1.57 -4.81 6.65
N SER A 60 2.58 -4.96 5.81
CA SER A 60 2.55 -6.03 4.83
C SER A 60 3.96 -6.60 4.66
N LEU A 61 4.01 -7.89 4.38
CA LEU A 61 5.22 -8.59 3.95
C LEU A 61 4.96 -9.25 2.61
N HIS A 62 5.76 -8.86 1.61
CA HIS A 62 5.68 -9.49 0.29
C HIS A 62 6.97 -10.27 0.08
N SER A 63 6.85 -11.53 -0.38
CA SER A 63 8.05 -12.33 -0.61
C SER A 63 7.76 -13.31 -1.72
N ILE A 64 8.78 -13.60 -2.55
CA ILE A 64 8.67 -14.66 -3.55
C ILE A 64 8.88 -15.97 -2.82
N GLY A 65 7.80 -16.68 -2.49
CA GLY A 65 7.91 -17.86 -1.65
C GLY A 65 8.19 -17.48 -0.20
N LYS A 66 8.43 -18.51 0.58
CA LYS A 66 8.65 -18.36 2.03
C LYS A 66 7.44 -17.76 2.73
N ILE A 67 6.25 -18.08 2.23
CA ILE A 67 4.99 -17.60 2.78
C ILE A 67 4.10 -18.83 2.93
N GLY A 68 3.45 -18.97 4.07
CA GLY A 68 2.61 -20.14 4.27
C GLY A 68 2.01 -20.11 5.66
N GLY A 69 1.24 -21.14 5.94
CA GLY A 69 0.52 -21.17 7.20
C GLY A 69 1.45 -21.08 8.39
N ALA A 70 2.37 -22.04 8.52
CA ALA A 70 3.29 -22.05 9.65
C ALA A 70 4.25 -20.88 9.62
N GLN A 71 4.79 -20.57 8.43
CA GLN A 71 5.74 -19.48 8.31
C GLN A 71 5.13 -18.14 8.71
N ASN A 72 3.86 -17.91 8.33
CA ASN A 72 3.23 -16.63 8.62
C ASN A 72 2.87 -16.50 10.11
N ARG A 73 2.56 -17.62 10.77
CA ARG A 73 2.43 -17.56 12.22
C ARG A 73 3.77 -17.15 12.86
N SER A 74 4.88 -17.71 12.33
CA SER A 74 6.19 -17.38 12.89
C SER A 74 6.55 -15.91 12.60
N TYR A 75 6.30 -15.44 11.38
CA TYR A 75 6.58 -14.05 11.08
C TYR A 75 5.76 -13.13 11.96
N SER A 76 4.52 -13.49 12.24
CA SER A 76 3.65 -12.61 13.00
C SER A 76 4.10 -12.47 14.45
N LYS A 77 4.56 -13.57 15.06
CA LYS A 77 5.15 -13.51 16.39
C LYS A 77 6.40 -12.65 16.37
N LEU A 78 7.25 -12.83 15.37
CA LEU A 78 8.49 -12.06 15.29
C LEU A 78 8.19 -10.59 15.12
N LEU A 79 7.31 -10.26 14.19
CA LEU A 79 7.09 -8.86 13.86
C LEU A 79 6.23 -8.17 14.90
N CYS A 80 5.19 -8.82 15.41
CA CYS A 80 4.46 -8.20 16.51
C CYS A 80 5.38 -7.97 17.69
N GLY A 81 6.29 -8.92 17.93
CA GLY A 81 7.22 -8.73 19.03
C GLY A 81 8.10 -7.50 18.82
N LEU A 82 8.60 -7.29 17.59
CA LEU A 82 9.42 -6.13 17.34
C LEU A 82 8.62 -4.86 17.49
N LEU A 83 7.38 -4.86 16.97
CA LEU A 83 6.57 -3.65 17.07
C LEU A 83 6.21 -3.32 18.51
N ALA A 84 5.97 -4.35 19.34
CA ALA A 84 5.70 -4.11 20.76
C ALA A 84 6.95 -3.59 21.47
N GLU A 85 8.10 -4.24 21.23
CA GLU A 85 9.32 -3.85 21.95
C GLU A 85 9.79 -2.49 21.51
N ARG A 86 9.80 -2.22 20.19
CA ARG A 86 10.45 -1.01 19.69
C ARG A 86 9.51 0.15 19.51
N LEU A 87 8.26 -0.10 19.09
CA LEU A 87 7.34 1.03 18.91
C LEU A 87 6.26 1.08 19.95
N ARG A 88 6.23 0.15 20.91
CA ARG A 88 5.26 0.16 21.99
C ARG A 88 3.83 -0.02 21.51
N ILE A 89 3.65 -0.80 20.43
CA ILE A 89 2.33 -1.08 19.89
C ILE A 89 1.89 -2.45 20.39
N SER A 90 0.68 -2.52 20.96
CA SER A 90 0.14 -3.80 21.44
C SER A 90 -0.11 -4.75 20.28
N PRO A 91 0.22 -6.04 20.43
CA PRO A 91 0.06 -6.97 19.28
C PRO A 91 -1.36 -7.11 18.79
N ASP A 92 -2.32 -6.86 19.63
CA ASP A 92 -3.71 -6.92 19.21
C ASP A 92 -4.17 -5.67 18.47
N ARG A 93 -3.24 -4.75 18.21
CA ARG A 93 -3.50 -3.59 17.40
C ARG A 93 -2.60 -3.54 16.17
N VAL A 94 -2.18 -4.71 15.71
CA VAL A 94 -1.34 -4.86 14.54
C VAL A 94 -2.03 -5.79 13.56
N TYR A 95 -2.06 -5.40 12.30
CA TYR A 95 -2.40 -6.35 11.25
C TYR A 95 -1.18 -6.43 10.33
N ILE A 96 -0.89 -7.66 9.86
CA ILE A 96 0.15 -7.87 8.85
C ILE A 96 -0.46 -8.69 7.73
N ASN A 97 -0.54 -8.12 6.51
CA ASN A 97 -0.97 -8.92 5.37
C ASN A 97 0.23 -9.53 4.67
N TYR A 98 0.14 -10.82 4.33
CA TYR A 98 1.26 -11.59 3.75
C TYR A 98 0.92 -11.86 2.31
N TYR A 99 1.91 -11.72 1.43
CA TYR A 99 1.74 -11.88 -0.01
C TYR A 99 2.85 -12.77 -0.53
N ASP A 100 2.46 -13.92 -1.08
CA ASP A 100 3.39 -14.83 -1.76
C ASP A 100 3.39 -14.39 -3.21
N MET A 101 4.42 -13.70 -3.63
CA MET A 101 4.43 -13.12 -4.97
C MET A 101 5.00 -14.14 -5.97
N ASN A 102 4.37 -14.22 -7.13
CA ASN A 102 4.99 -14.91 -8.26
C ASN A 102 6.21 -14.13 -8.72
N ALA A 103 7.27 -14.84 -9.11
CA ALA A 103 8.51 -14.14 -9.52
C ALA A 103 8.26 -13.19 -10.69
N ALA A 104 7.37 -13.57 -11.62
CA ALA A 104 7.10 -12.71 -12.76
C ALA A 104 6.40 -11.42 -12.35
N ASN A 105 5.84 -11.35 -11.14
CA ASN A 105 5.11 -10.17 -10.69
C ASN A 105 5.93 -9.30 -9.74
N VAL A 106 7.24 -9.50 -9.67
CA VAL A 106 8.11 -8.62 -8.88
C VAL A 106 9.16 -8.07 -9.83
N GLY A 107 9.09 -6.76 -10.07
CA GLY A 107 10.10 -6.09 -10.86
C GLY A 107 11.29 -5.63 -10.02
N TRP A 108 12.45 -5.64 -10.67
CA TRP A 108 13.69 -5.23 -10.01
C TRP A 108 14.70 -5.03 -11.10
N ASN A 109 15.48 -3.95 -11.01
CA ASN A 109 16.68 -3.82 -11.85
C ASN A 109 16.37 -4.04 -13.33
N ASN A 110 15.37 -3.33 -13.82
CA ASN A 110 15.01 -3.29 -15.25
C ASN A 110 14.36 -4.58 -15.76
N SER A 111 14.02 -5.52 -14.88
CA SER A 111 13.42 -6.77 -15.35
C SER A 111 12.51 -7.28 -14.25
N THR A 112 12.24 -8.58 -14.26
CA THR A 112 11.58 -9.20 -13.12
C THR A 112 12.40 -10.37 -12.62
N PHE A 113 11.90 -11.01 -11.55
CA PHE A 113 12.60 -12.16 -11.00
C PHE A 113 12.26 -13.46 -11.73
N ALA A 114 11.37 -13.44 -12.71
CA ALA A 114 11.02 -14.68 -13.43
C ALA A 114 12.18 -15.25 -14.21
N PRO B 1 -10.89 -6.24 8.79
CA PRO B 1 -10.70 -5.56 7.51
C PRO B 1 -9.89 -4.30 7.66
N MET B 2 -9.34 -3.83 6.56
CA MET B 2 -8.52 -2.65 6.59
C MET B 2 -8.94 -1.80 5.41
N PHE B 3 -9.21 -0.52 5.65
CA PHE B 3 -9.56 0.40 4.60
C PHE B 3 -8.58 1.56 4.61
N ILE B 4 -7.97 1.83 3.45
CA ILE B 4 -6.96 2.86 3.31
C ILE B 4 -7.42 3.84 2.25
N VAL B 5 -7.37 5.13 2.54
CA VAL B 5 -7.68 6.15 1.54
C VAL B 5 -6.48 7.04 1.40
N ASN B 6 -5.92 7.16 0.19
CA ASN B 6 -4.88 8.14 -0.11
C ASN B 6 -5.49 9.24 -0.98
N THR B 7 -5.27 10.49 -0.62
CA THR B 7 -5.94 11.58 -1.31
C THR B 7 -5.04 12.81 -1.34
N ASN B 8 -5.26 13.64 -2.36
CA ASN B 8 -4.57 14.91 -2.45
C ASN B 8 -5.27 16.03 -1.70
N VAL B 9 -6.46 15.77 -1.13
CA VAL B 9 -7.20 16.78 -0.36
C VAL B 9 -6.41 17.16 0.89
N PRO B 10 -6.43 18.42 1.33
CA PRO B 10 -5.61 18.79 2.50
C PRO B 10 -6.12 18.19 3.80
N ARG B 11 -5.18 18.04 4.73
CA ARG B 11 -5.49 17.46 6.03
C ARG B 11 -6.62 18.21 6.71
N ALA B 12 -6.61 19.56 6.64
CA ALA B 12 -7.64 20.31 7.36
C ALA B 12 -9.03 20.05 6.80
N SER B 13 -9.13 19.48 5.60
N SER B 13 -9.17 19.49 5.60
CA SER B 13 -10.41 19.19 4.94
CA SER B 13 -10.52 19.25 5.11
C SER B 13 -10.93 17.80 5.26
C SER B 13 -11.04 17.87 5.47
N VAL B 14 -10.24 17.04 6.11
CA VAL B 14 -10.73 15.76 6.59
C VAL B 14 -11.51 16.07 7.86
N PRO B 15 -12.81 15.87 7.91
CA PRO B 15 -13.56 16.31 9.09
C PRO B 15 -13.22 15.51 10.34
N ASP B 16 -13.30 16.20 11.47
CA ASP B 16 -13.19 15.51 12.74
C ASP B 16 -14.25 14.42 12.73
N GLY B 17 -13.88 13.26 13.20
CA GLY B 17 -14.83 12.19 13.23
C GLY B 17 -14.86 11.34 12.00
N PHE B 18 -14.09 11.68 10.96
CA PHE B 18 -14.17 10.90 9.74
C PHE B 18 -13.70 9.47 9.93
N LEU B 19 -12.58 9.25 10.66
CA LEU B 19 -12.14 7.86 10.87
C LEU B 19 -13.21 7.06 11.61
N SER B 20 -13.87 7.68 12.61
CA SER B 20 -14.90 6.97 13.32
C SER B 20 -16.07 6.64 12.43
N GLU B 21 -16.41 7.56 11.53
CA GLU B 21 -17.50 7.28 10.60
C GLU B 21 -17.14 6.13 9.67
N LEU B 22 -15.92 6.12 9.17
CA LEU B 22 -15.48 4.99 8.33
C LEU B 22 -15.53 3.69 9.12
N THR B 23 -15.04 3.71 10.38
CA THR B 23 -15.03 2.49 11.18
C THR B 23 -16.43 1.94 11.35
N GLN B 24 -17.38 2.80 11.71
CA GLN B 24 -18.73 2.34 11.96
C GLN B 24 -19.42 1.90 10.68
N GLN B 25 -19.27 2.66 9.59
CA GLN B 25 -19.95 2.27 8.36
C GLN B 25 -19.35 1.00 7.76
N LEU B 26 -18.05 0.80 7.93
CA LEU B 26 -17.48 -0.43 7.40
C LEU B 26 -17.81 -1.64 8.27
N ALA B 27 -17.89 -1.45 9.59
CA ALA B 27 -18.32 -2.53 10.45
C ALA B 27 -19.72 -2.98 10.04
N GLN B 28 -20.61 -2.03 9.80
CA GLN B 28 -21.96 -2.41 9.37
C GLN B 28 -21.96 -3.06 7.99
N ALA B 29 -21.17 -2.50 7.08
CA ALA B 29 -21.20 -2.96 5.69
C ALA B 29 -20.62 -4.35 5.57
N THR B 30 -19.52 -4.60 6.27
CA THR B 30 -18.86 -5.89 6.22
C THR B 30 -19.48 -6.89 7.17
N GLY B 31 -20.31 -6.41 8.11
CA GLY B 31 -20.90 -7.30 9.10
C GLY B 31 -19.97 -7.81 10.17
N LYS B 32 -18.81 -7.25 10.29
CA LYS B 32 -17.78 -7.59 11.27
C LYS B 32 -17.77 -6.64 12.47
N PRO B 33 -17.39 -7.12 13.64
CA PRO B 33 -17.31 -6.23 14.82
C PRO B 33 -16.32 -5.11 14.56
N PRO B 34 -16.58 -3.91 15.08
CA PRO B 34 -15.65 -2.80 14.87
C PRO B 34 -14.23 -3.04 15.39
N GLN B 35 -14.07 -3.92 16.39
CA GLN B 35 -12.74 -4.26 16.89
C GLN B 35 -11.82 -4.69 15.78
N TYR B 36 -12.37 -5.30 14.73
CA TYR B 36 -11.55 -5.85 13.65
C TYR B 36 -11.37 -4.88 12.49
N ILE B 37 -11.95 -3.69 12.56
CA ILE B 37 -11.90 -2.74 11.44
C ILE B 37 -10.77 -1.75 11.69
N ALA B 38 -9.84 -1.63 10.75
CA ALA B 38 -8.79 -0.62 10.83
C ALA B 38 -8.95 0.33 9.66
N VAL B 39 -8.71 1.62 9.88
CA VAL B 39 -8.88 2.63 8.86
C VAL B 39 -7.69 3.57 8.87
N HIS B 40 -7.34 4.10 7.67
CA HIS B 40 -6.13 4.90 7.53
C HIS B 40 -6.39 5.89 6.43
N VAL B 41 -6.25 7.17 6.72
CA VAL B 41 -6.50 8.23 5.75
C VAL B 41 -5.21 8.99 5.57
N VAL B 42 -4.78 9.18 4.33
CA VAL B 42 -3.50 9.85 4.05
C VAL B 42 -3.79 11.04 3.15
N PRO B 43 -3.87 12.24 3.72
CA PRO B 43 -4.15 13.45 2.93
C PRO B 43 -2.87 14.07 2.34
N ASP B 44 -3.06 15.16 1.56
CA ASP B 44 -1.94 15.96 1.07
C ASP B 44 -0.99 15.22 0.15
N GLN B 45 -1.51 14.21 -0.55
CA GLN B 45 -0.65 13.40 -1.39
C GLN B 45 -0.43 14.03 -2.76
N LEU B 46 0.72 13.68 -3.38
CA LEU B 46 1.07 14.10 -4.75
C LEU B 46 0.56 13.01 -5.70
N MET B 47 -0.56 13.28 -6.36
CA MET B 47 -1.20 12.25 -7.16
C MET B 47 -1.99 12.88 -8.29
N ALA B 48 -2.28 12.07 -9.31
CA ALA B 48 -3.13 12.47 -10.44
C ALA B 48 -3.98 11.28 -10.85
N PHE B 49 -5.11 11.58 -11.47
CA PHE B 49 -6.04 10.55 -11.94
C PHE B 49 -6.53 11.08 -13.27
N GLY B 50 -6.30 10.32 -14.35
CA GLY B 50 -6.68 10.78 -15.69
C GLY B 50 -5.90 12.00 -16.09
N GLY B 51 -4.69 12.16 -15.55
CA GLY B 51 -3.87 13.32 -15.84
C GLY B 51 -4.21 14.56 -15.04
N SER B 52 -5.20 14.52 -14.18
CA SER B 52 -5.65 15.70 -13.49
C SER B 52 -5.38 15.54 -12.01
N SER B 53 -4.97 16.63 -11.36
CA SER B 53 -4.77 16.68 -9.92
C SER B 53 -5.91 17.36 -9.19
N GLU B 54 -7.09 17.40 -9.79
CA GLU B 54 -8.31 17.75 -9.04
C GLU B 54 -8.46 16.69 -7.95
N PRO B 55 -9.25 17.02 -6.92
CA PRO B 55 -9.39 16.08 -5.80
C PRO B 55 -9.74 14.67 -6.24
N CYS B 56 -9.04 13.70 -5.65
CA CYS B 56 -9.25 12.32 -5.99
C CYS B 56 -8.91 11.45 -4.79
N ALA B 57 -9.34 10.20 -4.83
CA ALA B 57 -8.99 9.30 -3.75
C ALA B 57 -8.65 7.94 -4.33
N LEU B 58 -7.52 7.37 -3.90
CA LEU B 58 -7.08 6.03 -4.30
C LEU B 58 -7.15 5.20 -3.02
N CYS B 59 -7.92 4.13 -3.07
CA CYS B 59 -8.29 3.41 -1.86
C CYS B 59 -8.12 1.92 -2.03
N SER B 60 -8.02 1.24 -0.88
CA SER B 60 -8.07 -0.22 -0.88
C SER B 60 -8.87 -0.71 0.31
N LEU B 61 -9.59 -1.80 0.10
CA LEU B 61 -10.26 -2.53 1.17
C LEU B 61 -9.79 -3.97 1.15
N HIS B 62 -9.18 -4.41 2.26
CA HIS B 62 -8.76 -5.80 2.45
C HIS B 62 -9.64 -6.40 3.52
N SER B 63 -10.18 -7.59 3.25
CA SER B 63 -10.99 -8.29 4.22
C SER B 63 -10.83 -9.79 4.04
N ILE B 64 -10.91 -10.51 5.16
CA ILE B 64 -11.01 -11.97 5.11
C ILE B 64 -12.47 -12.27 4.81
N GLY B 65 -12.77 -12.57 3.52
CA GLY B 65 -14.11 -12.78 3.06
C GLY B 65 -14.86 -11.47 3.03
N LYS B 66 -16.16 -11.57 2.79
CA LYS B 66 -17.03 -10.41 2.63
C LYS B 66 -16.61 -9.57 1.44
N ILE B 67 -16.02 -10.21 0.44
CA ILE B 67 -15.59 -9.55 -0.80
C ILE B 67 -16.19 -10.32 -1.96
N GLY B 68 -16.78 -9.62 -2.92
CA GLY B 68 -17.37 -10.37 -4.03
C GLY B 68 -18.08 -9.41 -4.95
N GLY B 69 -18.62 -9.94 -6.02
CA GLY B 69 -19.19 -9.04 -7.03
C GLY B 69 -20.21 -8.08 -6.49
N ALA B 70 -21.31 -8.60 -5.93
CA ALA B 70 -22.38 -7.75 -5.40
C ALA B 70 -21.93 -6.96 -4.18
N GLN B 71 -21.17 -7.60 -3.27
CA GLN B 71 -20.70 -6.88 -2.09
C GLN B 71 -19.83 -5.71 -2.47
N ASN B 72 -18.97 -5.87 -3.48
CA ASN B 72 -18.04 -4.80 -3.80
C ASN B 72 -18.77 -3.63 -4.46
N ARG B 73 -19.84 -3.93 -5.23
CA ARG B 73 -20.67 -2.86 -5.78
C ARG B 73 -21.30 -2.06 -4.64
N SER B 74 -21.79 -2.78 -3.61
CA SER B 74 -22.37 -2.10 -2.46
C SER B 74 -21.34 -1.25 -1.72
N TYR B 75 -20.13 -1.80 -1.48
CA TYR B 75 -19.05 -1.03 -0.85
C TYR B 75 -18.67 0.20 -1.67
N SER B 76 -18.62 0.06 -3.00
CA SER B 76 -18.22 1.19 -3.83
C SER B 76 -19.25 2.31 -3.74
N LYS B 77 -20.55 1.96 -3.75
CA LYS B 77 -21.57 3.00 -3.55
C LYS B 77 -21.48 3.64 -2.17
N LEU B 78 -21.27 2.82 -1.13
CA LEU B 78 -21.15 3.40 0.21
C LEU B 78 -19.92 4.31 0.31
N LEU B 79 -18.77 3.82 -0.14
CA LEU B 79 -17.52 4.56 0.08
C LEU B 79 -17.43 5.78 -0.84
N CYS B 80 -17.86 5.65 -2.10
CA CYS B 80 -17.91 6.85 -2.93
C CYS B 80 -18.83 7.91 -2.30
N GLY B 81 -19.97 7.49 -1.74
CA GLY B 81 -20.87 8.45 -1.11
C GLY B 81 -20.24 9.16 0.07
N LEU B 82 -19.53 8.41 0.92
CA LEU B 82 -18.87 9.02 2.06
C LEU B 82 -17.76 9.95 1.62
N LEU B 83 -16.94 9.54 0.65
CA LEU B 83 -15.86 10.41 0.23
C LEU B 83 -16.38 11.66 -0.44
N ALA B 84 -17.51 11.55 -1.17
CA ALA B 84 -18.11 12.74 -1.75
C ALA B 84 -18.67 13.67 -0.69
N GLU B 85 -19.42 13.13 0.26
CA GLU B 85 -20.03 14.02 1.24
C GLU B 85 -18.98 14.66 2.13
N ARG B 86 -18.00 13.87 2.61
CA ARG B 86 -17.10 14.35 3.65
C ARG B 86 -15.82 14.98 3.12
N LEU B 87 -15.24 14.45 2.04
CA LEU B 87 -14.02 15.03 1.51
C LEU B 87 -14.25 15.83 0.25
N ARG B 88 -15.49 15.85 -0.26
CA ARG B 88 -15.87 16.62 -1.43
C ARG B 88 -15.12 16.15 -2.68
N ILE B 89 -14.94 14.84 -2.78
CA ILE B 89 -14.32 14.20 -3.95
C ILE B 89 -15.44 13.60 -4.81
N SER B 90 -15.45 13.95 -6.11
CA SER B 90 -16.47 13.41 -7.02
C SER B 90 -16.32 11.89 -7.14
N PRO B 91 -17.44 11.14 -7.24
CA PRO B 91 -17.34 9.67 -7.30
C PRO B 91 -16.60 9.17 -8.51
N ASP B 92 -16.61 9.95 -9.59
CA ASP B 92 -15.81 9.52 -10.72
C ASP B 92 -14.31 9.79 -10.50
N ARG B 93 -13.91 10.32 -9.31
CA ARG B 93 -12.50 10.43 -8.97
C ARG B 93 -12.16 9.64 -7.71
N VAL B 94 -12.91 8.57 -7.46
CA VAL B 94 -12.64 7.61 -6.39
C VAL B 94 -12.36 6.29 -7.08
N TYR B 95 -11.22 5.69 -6.75
CA TYR B 95 -10.80 4.41 -7.27
C TYR B 95 -10.48 3.52 -6.08
N ILE B 96 -11.08 2.31 -6.04
CA ILE B 96 -11.00 1.39 -4.91
C ILE B 96 -10.60 0.01 -5.42
N ASN B 97 -9.50 -0.51 -4.91
CA ASN B 97 -9.14 -1.91 -5.15
C ASN B 97 -9.56 -2.76 -3.95
N TYR B 98 -10.16 -3.91 -4.22
CA TYR B 98 -10.71 -4.82 -3.21
C TYR B 98 -9.86 -6.07 -3.18
N TYR B 99 -9.62 -6.59 -1.96
CA TYR B 99 -8.81 -7.77 -1.73
C TYR B 99 -9.49 -8.74 -0.77
N ASP B 100 -9.72 -9.97 -1.22
CA ASP B 100 -10.27 -11.04 -0.37
C ASP B 100 -9.06 -11.81 0.17
N MET B 101 -8.71 -11.60 1.44
CA MET B 101 -7.52 -12.22 2.04
C MET B 101 -7.83 -13.59 2.61
N ASN B 102 -6.92 -14.53 2.41
CA ASN B 102 -7.01 -15.83 3.12
C ASN B 102 -6.60 -15.63 4.58
N ALA B 103 -7.26 -16.34 5.48
CA ALA B 103 -7.01 -16.13 6.91
C ALA B 103 -5.55 -16.42 7.26
N ALA B 104 -4.94 -17.38 6.58
CA ALA B 104 -3.54 -17.71 6.88
C ALA B 104 -2.60 -16.59 6.50
N ASN B 105 -3.07 -15.64 5.67
CA ASN B 105 -2.25 -14.55 5.19
C ASN B 105 -2.56 -13.23 5.89
N VAL B 106 -3.26 -13.27 7.03
CA VAL B 106 -3.49 -12.08 7.85
C VAL B 106 -2.96 -12.35 9.26
N GLY B 107 -1.89 -11.64 9.65
CA GLY B 107 -1.35 -11.73 11.00
C GLY B 107 -1.98 -10.69 11.91
N TRP B 108 -2.06 -11.05 13.20
CA TRP B 108 -2.65 -10.23 14.25
C TRP B 108 -2.32 -10.91 15.55
N ASN B 109 -1.95 -10.14 16.58
CA ASN B 109 -1.83 -10.70 17.94
C ASN B 109 -0.88 -11.90 18.00
N ASN B 110 0.29 -11.75 17.36
CA ASN B 110 1.37 -12.73 17.44
C ASN B 110 1.09 -14.01 16.67
N SER B 111 0.04 -14.04 15.87
N SER B 111 0.03 -14.07 15.88
CA SER B 111 -0.34 -15.26 15.16
CA SER B 111 -0.16 -15.25 15.05
C SER B 111 -1.02 -14.86 13.86
C SER B 111 -0.98 -14.86 13.82
N THR B 112 -1.71 -15.80 13.22
CA THR B 112 -2.58 -15.44 12.12
C THR B 112 -3.97 -15.95 12.41
N PHE B 113 -4.92 -15.57 11.54
CA PHE B 113 -6.29 -15.98 11.77
C PHE B 113 -6.61 -17.39 11.26
N ALA B 114 -5.67 -18.10 10.63
CA ALA B 114 -6.00 -19.44 10.12
C ALA B 114 -6.35 -20.39 11.24
N PRO C 1 -5.81 1.66 -14.21
CA PRO C 1 -4.58 1.23 -13.49
C PRO C 1 -4.12 2.22 -12.50
N MET C 2 -3.33 1.74 -11.57
CA MET C 2 -2.83 2.61 -10.51
C MET C 2 -1.35 2.30 -10.31
N PHE C 3 -0.53 3.37 -10.32
CA PHE C 3 0.90 3.23 -10.13
C PHE C 3 1.33 4.10 -8.95
N ILE C 4 1.99 3.49 -7.98
CA ILE C 4 2.43 4.15 -6.76
C ILE C 4 3.93 4.01 -6.66
N VAL C 5 4.62 5.11 -6.37
CA VAL C 5 6.06 5.05 -6.08
C VAL C 5 6.27 5.63 -4.69
N ASN C 6 6.89 4.84 -3.81
CA ASN C 6 7.33 5.31 -2.50
C ASN C 6 8.84 5.38 -2.53
N THR C 7 9.42 6.50 -2.06
CA THR C 7 10.86 6.66 -2.16
C THR C 7 11.37 7.54 -1.03
N ASN C 8 12.65 7.32 -0.68
CA ASN C 8 13.31 8.19 0.29
C ASN C 8 13.89 9.45 -0.35
N VAL C 9 13.86 9.59 -1.67
CA VAL C 9 14.37 10.83 -2.24
C VAL C 9 13.51 12.00 -1.79
N PRO C 10 14.07 13.18 -1.59
CA PRO C 10 13.28 14.30 -1.08
C PRO C 10 12.34 14.87 -2.15
N ARG C 11 11.25 15.50 -1.68
CA ARG C 11 10.23 16.06 -2.58
C ARG C 11 10.83 17.03 -3.58
N ALA C 12 11.78 17.87 -3.14
CA ALA C 12 12.36 18.86 -4.03
C ALA C 12 13.14 18.23 -5.17
N SER C 13 13.48 16.95 -5.07
N SER C 13 13.50 16.96 -5.08
CA SER C 13 14.18 16.21 -6.11
CA SER C 13 14.19 16.28 -6.17
C SER C 13 13.23 15.50 -7.09
C SER C 13 13.23 15.75 -7.23
N VAL C 14 11.93 15.70 -6.95
CA VAL C 14 10.95 15.17 -7.88
C VAL C 14 10.70 16.29 -8.88
N PRO C 15 11.04 16.11 -10.16
CA PRO C 15 10.97 17.23 -11.09
C PRO C 15 9.54 17.57 -11.46
N ASP C 16 9.37 18.82 -11.87
CA ASP C 16 8.11 19.21 -12.49
C ASP C 16 7.80 18.25 -13.64
N GLY C 17 6.52 17.93 -13.79
CA GLY C 17 6.10 17.08 -14.90
C GLY C 17 6.18 15.58 -14.65
N PHE C 18 6.64 15.15 -13.47
CA PHE C 18 6.88 13.73 -13.24
C PHE C 18 5.60 12.91 -13.27
N LEU C 19 4.54 13.36 -12.60
CA LEU C 19 3.29 12.59 -12.65
C LEU C 19 2.77 12.48 -14.07
N SER C 20 2.89 13.56 -14.87
CA SER C 20 2.43 13.46 -16.25
C SER C 20 3.27 12.50 -17.07
N GLU C 21 4.59 12.48 -16.87
CA GLU C 21 5.38 11.51 -17.60
C GLU C 21 4.98 10.09 -17.23
N LEU C 22 4.73 9.83 -15.94
CA LEU C 22 4.27 8.49 -15.55
C LEU C 22 2.93 8.15 -16.18
N THR C 23 1.98 9.11 -16.20
CA THR C 23 0.67 8.84 -16.80
C THR C 23 0.80 8.49 -18.27
N GLN C 24 1.56 9.30 -18.98
CA GLN C 24 1.67 9.16 -20.43
C GLN C 24 2.45 7.92 -20.81
N GLN C 25 3.56 7.65 -20.12
CA GLN C 25 4.34 6.46 -20.43
C GLN C 25 3.63 5.18 -20.03
N LEU C 26 2.87 5.20 -18.91
CA LEU C 26 2.09 4.01 -18.56
C LEU C 26 0.92 3.80 -19.49
N ALA C 27 0.29 4.87 -20.00
CA ALA C 27 -0.76 4.69 -20.99
C ALA C 27 -0.21 3.93 -22.19
N GLN C 28 0.95 4.35 -22.69
CA GLN C 28 1.53 3.68 -23.86
C GLN C 28 1.95 2.25 -23.54
N ALA C 29 2.52 2.03 -22.35
CA ALA C 29 3.02 0.70 -22.02
C ALA C 29 1.88 -0.28 -21.82
N THR C 30 0.87 0.11 -21.03
CA THR C 30 -0.25 -0.82 -20.77
C THR C 30 -1.28 -0.85 -21.87
N GLY C 31 -1.30 0.14 -22.74
CA GLY C 31 -2.37 0.28 -23.71
C GLY C 31 -3.66 0.77 -23.12
N LYS C 32 -3.65 1.23 -21.97
CA LYS C 32 -4.87 1.73 -21.37
C LYS C 32 -4.95 3.25 -21.57
N PRO C 33 -6.15 3.80 -21.69
CA PRO C 33 -6.31 5.26 -21.86
C PRO C 33 -5.75 6.01 -20.65
N PRO C 34 -5.11 7.16 -20.88
CA PRO C 34 -4.69 8.01 -19.76
C PRO C 34 -5.83 8.30 -18.80
N GLN C 35 -7.08 8.39 -19.29
CA GLN C 35 -8.24 8.64 -18.42
C GLN C 35 -8.35 7.62 -17.28
N TYR C 36 -7.88 6.37 -17.49
CA TYR C 36 -8.07 5.32 -16.48
C TYR C 36 -6.87 5.18 -15.58
N ILE C 37 -5.87 6.02 -15.74
CA ILE C 37 -4.60 5.84 -15.01
C ILE C 37 -4.50 6.79 -13.84
N ALA C 38 -4.19 6.24 -12.67
CA ALA C 38 -3.88 7.02 -11.48
C ALA C 38 -2.41 6.81 -11.15
N VAL C 39 -1.72 7.90 -10.78
CA VAL C 39 -0.30 7.87 -10.42
C VAL C 39 -0.17 8.61 -9.10
N HIS C 40 0.76 8.13 -8.30
CA HIS C 40 0.92 8.66 -6.95
C HIS C 40 2.40 8.53 -6.59
N VAL C 41 3.02 9.63 -6.15
CA VAL C 41 4.43 9.64 -5.80
C VAL C 41 4.56 10.10 -4.36
N VAL C 42 5.27 9.34 -3.54
CA VAL C 42 5.40 9.58 -2.11
C VAL C 42 6.88 9.72 -1.77
N PRO C 43 7.39 10.96 -1.71
CA PRO C 43 8.81 11.18 -1.40
C PRO C 43 9.06 11.23 0.10
N ASP C 44 10.33 11.42 0.46
CA ASP C 44 10.73 11.72 1.84
C ASP C 44 10.45 10.56 2.79
N GLN C 45 10.39 9.34 2.26
CA GLN C 45 10.03 8.19 3.08
C GLN C 45 11.23 7.62 3.84
N LEU C 46 10.92 6.98 4.97
CA LEU C 46 11.91 6.30 5.81
C LEU C 46 11.97 4.88 5.30
N MET C 47 12.98 4.55 4.48
CA MET C 47 13.05 3.26 3.79
C MET C 47 14.51 2.83 3.71
N ALA C 48 14.72 1.53 3.59
CA ALA C 48 16.03 0.99 3.31
C ALA C 48 15.85 -0.12 2.29
N PHE C 49 16.89 -0.38 1.52
CA PHE C 49 16.87 -1.45 0.53
C PHE C 49 18.23 -2.15 0.69
N GLY C 50 18.19 -3.46 0.97
CA GLY C 50 19.44 -4.21 1.17
C GLY C 50 20.26 -3.75 2.36
N GLY C 51 19.58 -3.16 3.37
CA GLY C 51 20.25 -2.70 4.58
C GLY C 51 20.79 -1.29 4.46
N SER C 52 20.64 -0.67 3.31
CA SER C 52 21.25 0.61 2.99
C SER C 52 20.20 1.68 2.83
N SER C 53 20.53 2.88 3.28
CA SER C 53 19.63 4.02 3.20
C SER C 53 19.92 4.93 2.00
N GLU C 54 20.72 4.48 1.06
CA GLU C 54 20.87 5.18 -0.21
C GLU C 54 19.53 5.22 -0.98
N PRO C 55 19.40 6.13 -1.94
CA PRO C 55 18.11 6.28 -2.65
C PRO C 55 17.57 4.97 -3.18
N CYS C 56 16.27 4.75 -2.96
CA CYS C 56 15.61 3.51 -3.36
C CYS C 56 14.14 3.81 -3.59
N ALA C 57 13.44 2.85 -4.17
CA ALA C 57 12.00 3.03 -4.37
C ALA C 57 11.28 1.70 -4.27
N LEU C 58 10.09 1.74 -3.67
CA LEU C 58 9.19 0.58 -3.66
C LEU C 58 7.91 1.02 -4.35
N CYS C 59 7.47 0.24 -5.34
CA CYS C 59 6.39 0.67 -6.21
C CYS C 59 5.39 -0.44 -6.41
N SER C 60 4.19 -0.08 -6.89
CA SER C 60 3.25 -1.10 -7.28
C SER C 60 2.51 -0.62 -8.53
N LEU C 61 2.16 -1.57 -9.38
CA LEU C 61 1.26 -1.31 -10.51
C LEU C 61 0.10 -2.28 -10.42
N HIS C 62 -1.13 -1.75 -10.33
CA HIS C 62 -2.36 -2.53 -10.33
C HIS C 62 -3.07 -2.26 -11.64
N SER C 63 -3.53 -3.32 -12.31
CA SER C 63 -4.23 -3.14 -13.56
C SER C 63 -5.19 -4.29 -13.78
N ILE C 64 -6.36 -4.01 -14.36
CA ILE C 64 -7.25 -5.09 -14.81
C ILE C 64 -6.66 -5.63 -16.11
N GLY C 65 -5.96 -6.75 -16.04
CA GLY C 65 -5.27 -7.28 -17.22
C GLY C 65 -4.07 -6.43 -17.57
N LYS C 66 -3.49 -6.75 -18.72
CA LYS C 66 -2.24 -6.13 -19.18
C LYS C 66 -1.08 -6.38 -18.21
N ILE C 67 -1.15 -7.49 -17.48
CA ILE C 67 -0.09 -7.92 -16.55
C ILE C 67 0.33 -9.34 -16.97
N GLY C 68 1.63 -9.60 -17.05
CA GLY C 68 2.10 -10.91 -17.46
C GLY C 68 3.62 -10.91 -17.51
N GLY C 69 4.21 -12.06 -17.81
CA GLY C 69 5.67 -12.18 -17.78
C GLY C 69 6.40 -11.17 -18.66
N ALA C 70 6.07 -11.18 -19.95
CA ALA C 70 6.75 -10.29 -20.88
C ALA C 70 6.37 -8.82 -20.62
N GLN C 71 5.09 -8.55 -20.38
CA GLN C 71 4.68 -7.18 -20.13
C GLN C 71 5.34 -6.63 -18.89
N ASN C 72 5.45 -7.43 -17.84
CA ASN C 72 6.00 -6.90 -16.59
C ASN C 72 7.50 -6.65 -16.72
N ARG C 73 8.19 -7.46 -17.51
CA ARG C 73 9.60 -7.13 -17.80
C ARG C 73 9.69 -5.79 -18.53
N SER C 74 8.81 -5.56 -19.50
CA SER C 74 8.80 -4.29 -20.22
C SER C 74 8.47 -3.13 -19.30
N TYR C 75 7.47 -3.28 -18.42
CA TYR C 75 7.14 -2.21 -17.48
C TYR C 75 8.32 -1.90 -16.57
N SER C 76 9.03 -2.95 -16.15
CA SER C 76 10.12 -2.73 -15.20
C SER C 76 11.25 -1.96 -15.85
N LYS C 77 11.57 -2.27 -17.11
CA LYS C 77 12.59 -1.51 -17.80
C LYS C 77 12.16 -0.06 -17.97
N LEU C 78 10.90 0.17 -18.35
CA LEU C 78 10.39 1.53 -18.52
C LEU C 78 10.45 2.31 -17.20
N LEU C 79 9.93 1.70 -16.13
CA LEU C 79 9.75 2.42 -14.86
C LEU C 79 11.07 2.60 -14.15
N CYS C 80 11.93 1.57 -14.13
CA CYS C 80 13.28 1.81 -13.58
C CYS C 80 14.02 2.88 -14.38
N GLY C 81 13.86 2.88 -15.71
CA GLY C 81 14.50 3.92 -16.50
C GLY C 81 14.04 5.32 -16.12
N LEU C 82 12.72 5.50 -15.92
CA LEU C 82 12.22 6.80 -15.49
C LEU C 82 12.69 7.15 -14.08
N LEU C 83 12.71 6.18 -13.16
CA LEU C 83 13.16 6.50 -11.81
C LEU C 83 14.64 6.83 -11.78
N ALA C 84 15.43 6.18 -12.63
CA ALA C 84 16.86 6.51 -12.69
C ALA C 84 17.06 7.90 -13.29
N GLU C 85 16.37 8.18 -14.38
CA GLU C 85 16.56 9.42 -15.12
C GLU C 85 16.05 10.62 -14.33
N ARG C 86 14.87 10.48 -13.75
CA ARG C 86 14.22 11.63 -13.12
C ARG C 86 14.52 11.74 -11.62
N LEU C 87 14.65 10.61 -10.89
CA LEU C 87 14.87 10.65 -9.44
C LEU C 87 16.29 10.23 -9.05
N ARG C 88 17.09 9.80 -10.03
CA ARG C 88 18.48 9.40 -9.77
C ARG C 88 18.56 8.20 -8.82
N ILE C 89 17.60 7.29 -8.95
CA ILE C 89 17.57 6.04 -8.17
C ILE C 89 18.12 4.91 -9.04
N SER C 90 19.07 4.16 -8.51
CA SER C 90 19.60 3.03 -9.26
C SER C 90 18.53 1.95 -9.45
N PRO C 91 18.45 1.36 -10.65
CA PRO C 91 17.45 0.31 -10.89
C PRO C 91 17.57 -0.89 -9.95
N ASP C 92 18.74 -1.23 -9.48
CA ASP C 92 18.86 -2.36 -8.56
C ASP C 92 18.48 -1.98 -7.13
N ARG C 93 17.98 -0.78 -6.93
CA ARG C 93 17.40 -0.38 -5.63
C ARG C 93 15.92 -0.01 -5.82
N VAL C 94 15.28 -0.63 -6.79
CA VAL C 94 13.87 -0.46 -7.08
C VAL C 94 13.18 -1.82 -7.07
N TYR C 95 12.07 -1.92 -6.34
CA TYR C 95 11.16 -3.06 -6.48
C TYR C 95 9.83 -2.52 -6.99
N ILE C 96 9.19 -3.28 -7.89
CA ILE C 96 7.86 -2.98 -8.41
C ILE C 96 7.00 -4.22 -8.27
N ASN C 97 5.94 -4.17 -7.45
CA ASN C 97 5.03 -5.31 -7.43
C ASN C 97 3.87 -5.12 -8.40
N TYR C 98 3.54 -6.18 -9.15
CA TYR C 98 2.53 -6.11 -10.18
C TYR C 98 1.31 -6.90 -9.70
N TYR C 99 0.11 -6.33 -9.94
CA TYR C 99 -1.15 -6.98 -9.54
C TYR C 99 -2.12 -6.95 -10.71
N ASP C 100 -2.54 -8.16 -11.14
CA ASP C 100 -3.54 -8.30 -12.19
C ASP C 100 -4.86 -8.38 -11.45
N MET C 101 -5.64 -7.29 -11.49
CA MET C 101 -6.90 -7.23 -10.75
C MET C 101 -8.07 -7.79 -11.54
N ASN C 102 -8.92 -8.55 -10.86
CA ASN C 102 -10.19 -8.94 -11.43
C ASN C 102 -11.06 -7.69 -11.51
N ALA C 103 -11.86 -7.59 -12.58
CA ALA C 103 -12.68 -6.39 -12.77
C ALA C 103 -13.67 -6.21 -11.63
N ALA C 104 -14.18 -7.32 -11.08
CA ALA C 104 -15.12 -7.24 -9.97
C ALA C 104 -14.51 -6.69 -8.71
N ASN C 105 -13.18 -6.65 -8.60
CA ASN C 105 -12.43 -6.16 -7.45
C ASN C 105 -11.88 -4.74 -7.65
N VAL C 106 -12.41 -3.99 -8.64
CA VAL C 106 -12.06 -2.60 -8.86
C VAL C 106 -13.33 -1.75 -8.83
N GLY C 107 -13.45 -0.85 -7.84
CA GLY C 107 -14.55 0.09 -7.74
C GLY C 107 -14.19 1.47 -8.26
N TRP C 108 -15.19 2.15 -8.81
CA TRP C 108 -15.01 3.46 -9.38
C TRP C 108 -16.43 3.97 -9.64
N ASN C 109 -16.70 5.23 -9.34
CA ASN C 109 -17.94 5.89 -9.76
C ASN C 109 -19.17 5.12 -9.29
N ASN C 110 -19.18 4.75 -8.01
CA ASN C 110 -20.33 4.14 -7.35
C ASN C 110 -20.61 2.71 -7.79
N SER C 111 -19.69 2.09 -8.51
CA SER C 111 -19.90 0.75 -9.01
C SER C 111 -18.55 0.04 -9.08
N THR C 112 -18.55 -1.12 -9.75
CA THR C 112 -17.32 -1.84 -10.08
C THR C 112 -17.36 -2.21 -11.55
N PHE C 113 -16.28 -2.74 -12.03
CA PHE C 113 -16.16 -3.10 -13.42
C PHE C 113 -16.61 -4.53 -13.71
N ALA C 114 -17.24 -5.21 -12.75
CA ALA C 114 -17.68 -6.59 -12.94
C ALA C 114 -18.62 -6.63 -14.13
CL CL D . 4.46 -22.72 5.91
CL CL E . 1.67 -12.66 -7.53
CL CL F . 27.33 3.88 21.74
CL CL G . 11.28 -11.71 -2.58
C1 HWL H . -8.37 -3.61 18.94
C3 HWL H . -7.79 -3.39 21.37
O2 HWL H . -8.53 -5.99 21.91
C4 HWL H . -7.72 -3.89 22.71
C2 HWL H . -8.29 -4.23 20.33
O1 HWL H . -7.46 -2.11 21.08
C10 HWL H . -8.60 -5.55 20.66
C11 HWL H . -9.16 -6.57 19.70
C12 HWL H . -10.02 -7.51 20.28
C13 HWL H . -10.58 -8.50 19.46
C14 HWL H . -10.27 -8.55 18.10
C15 HWL H . -9.40 -7.61 17.55
C16 HWL H . -8.83 -6.62 18.33
C17 HWL H . -8.42 -7.16 24.48
C18 HWL H . -8.46 -8.89 26.09
C19 HWL H . -8.50 -8.82 27.62
C20 HWL H . -9.14 -7.79 29.50
C21 HWL H . -10.32 -7.22 30.28
C22 HWL H . -11.49 -8.07 30.28
C23 HWL H . -11.84 -8.59 28.96
C24 HWL H . -10.63 -9.20 28.26
C5 HWL H . -7.25 -3.06 23.78
C6 HWL H . -7.17 -3.61 25.06
C7 HWL H . -7.58 -4.94 25.30
C8 HWL H . -8.05 -5.72 24.23
C9 HWL H . -8.09 -5.18 22.91
N1 HWL H . -9.52 -8.27 28.17
O3 HWL H . -9.04 -7.89 23.74
O4 HWL H . -7.93 -7.64 25.67
CL CL I . -10.22 -9.05 8.00
CL CL J . -20.79 -10.91 -3.36
CL CL K . -10.71 -5.88 26.71
CL CL L . -10.89 11.68 12.26
CL CL M . 2.81 -10.92 -20.87
CL CL N . -7.30 -1.00 -13.71
CL CL O . -8.24 -9.43 -7.99
C1 HWL P . -11.62 6.57 -14.77
C3 HWL P . -13.41 6.15 -16.55
O2 HWL P . -13.01 3.42 -16.37
C4 HWL P . -14.19 5.21 -17.36
C2 HWL P . -12.44 5.60 -15.63
O1 HWL P . -13.62 7.51 -16.66
C10 HWL P . -12.30 4.21 -15.61
C11 HWL P . -11.33 3.45 -14.71
C12 HWL P . -11.21 3.77 -13.35
C13 HWL P . -10.35 3.04 -12.55
C14 HWL P . -9.66 1.96 -13.07
C15 HWL P . -9.82 1.62 -14.39
C16 HWL P . -10.66 2.36 -15.21
C17 HWL P . -14.47 1.47 -18.01
C18 HWL P . -12.89 -0.27 -17.39
C19 HWL P . -13.81 -1.34 -18.02
C20 HWL P . -13.98 -2.91 -19.65
C21 HWL P . -13.11 -3.92 -20.43
C22 HWL P . -11.96 -4.49 -19.74
C23 HWL P . -11.22 -3.53 -18.97
C24 HWL P . -12.17 -2.79 -18.02
C5 HWL P . -15.18 5.67 -18.27
C6 HWL P . -15.89 4.76 -19.03
C7 HWL P . -15.66 3.40 -18.92
C8 HWL P . -14.69 2.95 -18.03
C9 HWL P . -13.94 3.88 -17.24
N1 HWL P . -13.15 -2.05 -18.79
O3 HWL P . -15.36 0.73 -18.32
O4 HWL P . -13.15 1.08 -17.71
NA NA Q . -0.78 13.77 -18.17
#